data_1Y29
#
_entry.id   1Y29
#
_entity_poly.entity_id   1
_entity_poly.type   'polypeptide(L)'
_entity_poly.pdbx_seq_one_letter_code
;KCLPPGKPCYGATQKIPCCGVCSHNKCT
;
_entity_poly.pdbx_strand_id   A
#
# COMPACT_ATOMS: atom_id res chain seq x y z
N LYS A 1 1.37 -6.24 -11.14
CA LYS A 1 2.32 -6.70 -10.09
C LYS A 1 2.01 -6.01 -8.74
N CYS A 2 2.73 -6.35 -7.71
CA CYS A 2 2.49 -5.72 -6.37
C CYS A 2 2.92 -4.24 -6.38
N LEU A 3 2.36 -3.45 -5.50
CA LEU A 3 2.72 -2.00 -5.44
C LEU A 3 4.15 -1.83 -4.90
N PRO A 4 4.87 -0.90 -5.48
CA PRO A 4 6.26 -0.63 -5.04
C PRO A 4 6.28 0.04 -3.66
N PRO A 5 7.43 0.03 -3.02
CA PRO A 5 7.56 0.64 -1.68
C PRO A 5 7.45 2.16 -1.77
N GLY A 6 6.63 2.75 -0.94
CA GLY A 6 6.46 4.24 -0.98
C GLY A 6 5.10 4.60 -1.60
N LYS A 7 4.24 3.64 -1.85
CA LYS A 7 2.92 3.95 -2.45
C LYS A 7 1.91 4.28 -1.33
N PRO A 8 1.28 5.43 -1.45
CA PRO A 8 0.30 5.87 -0.43
C PRO A 8 -0.99 5.05 -0.52
N CYS A 9 -1.22 4.16 0.41
CA CYS A 9 -2.46 3.33 0.38
C CYS A 9 -3.61 4.07 1.08
N TYR A 10 -4.82 3.86 0.63
CA TYR A 10 -5.99 4.56 1.25
C TYR A 10 -6.70 3.63 2.23
N GLY A 11 -6.15 3.47 3.42
CA GLY A 11 -6.78 2.58 4.44
C GLY A 11 -6.93 1.17 3.87
N ALA A 12 -8.13 0.63 3.92
CA ALA A 12 -8.36 -0.74 3.38
C ALA A 12 -9.42 -0.71 2.27
N THR A 13 -9.51 0.39 1.54
CA THR A 13 -10.52 0.48 0.44
C THR A 13 -9.81 0.36 -0.92
N GLN A 14 -9.32 -0.80 -1.25
CA GLN A 14 -8.61 -0.98 -2.56
C GLN A 14 -8.37 -2.48 -2.83
N LYS A 15 -8.52 -2.90 -4.06
CA LYS A 15 -8.29 -4.34 -4.39
C LYS A 15 -6.82 -4.57 -4.82
N ILE A 16 -5.93 -3.72 -4.35
CA ILE A 16 -4.49 -3.89 -4.71
C ILE A 16 -3.66 -4.16 -3.45
N PRO A 17 -3.07 -5.33 -3.41
CA PRO A 17 -2.26 -5.73 -2.24
C PRO A 17 -0.90 -5.02 -2.26
N CYS A 18 -0.54 -4.36 -1.19
CA CYS A 18 0.78 -3.66 -1.15
C CYS A 18 1.88 -4.66 -0.79
N CYS A 19 3.06 -4.47 -1.31
CA CYS A 19 4.18 -5.43 -1.01
C CYS A 19 4.40 -5.54 0.50
N GLY A 20 4.24 -4.44 1.22
CA GLY A 20 4.42 -4.47 2.70
C GLY A 20 3.08 -4.15 3.37
N VAL A 21 3.06 -3.18 4.24
CA VAL A 21 1.78 -2.81 4.93
C VAL A 21 1.55 -1.30 4.85
N CYS A 22 0.45 -0.83 5.34
CA CYS A 22 0.17 0.64 5.29
C CYS A 22 0.87 1.35 6.45
N SER A 23 1.84 2.18 6.16
CA SER A 23 2.58 2.90 7.24
C SER A 23 2.42 4.41 7.06
N HIS A 24 1.57 5.03 7.84
CA HIS A 24 1.34 6.50 7.72
C HIS A 24 0.98 6.87 6.28
N ASN A 25 -0.03 6.21 5.74
CA ASN A 25 -0.47 6.49 4.33
C ASN A 25 0.65 6.10 3.34
N LYS A 26 1.27 4.97 3.54
CA LYS A 26 2.37 4.50 2.61
C LYS A 26 2.35 2.97 2.52
N CYS A 27 3.24 2.41 1.72
CA CYS A 27 3.28 0.92 1.60
C CYS A 27 4.74 0.45 1.56
N THR A 28 5.13 -0.39 2.49
CA THR A 28 6.54 -0.89 2.52
C THR A 28 6.67 -2.18 1.69
N LYS A 1 2.01 -7.49 -9.55
CA LYS A 1 2.37 -8.22 -8.29
C LYS A 1 1.94 -7.40 -7.07
N CYS A 2 2.55 -6.26 -6.85
CA CYS A 2 2.18 -5.42 -5.67
C CYS A 2 2.69 -3.98 -5.85
N LEU A 3 2.29 -3.08 -4.99
CA LEU A 3 2.75 -1.66 -5.11
C LEU A 3 4.17 -1.52 -4.56
N PRO A 4 4.98 -0.76 -5.25
CA PRO A 4 6.39 -0.55 -4.82
C PRO A 4 6.46 0.25 -3.51
N PRO A 5 7.62 0.22 -2.89
CA PRO A 5 7.82 0.93 -1.60
C PRO A 5 7.77 2.45 -1.81
N GLY A 6 6.90 3.13 -1.11
CA GLY A 6 6.79 4.62 -1.25
C GLY A 6 5.40 4.99 -1.80
N LYS A 7 4.70 4.06 -2.40
CA LYS A 7 3.34 4.37 -2.96
C LYS A 7 2.35 4.66 -1.83
N PRO A 8 1.28 5.35 -2.17
CA PRO A 8 0.23 5.70 -1.17
C PRO A 8 -0.63 4.48 -0.83
N CYS A 9 -1.24 4.47 0.33
CA CYS A 9 -2.12 3.34 0.74
C CYS A 9 -3.43 3.88 1.31
N TYR A 10 -4.53 3.22 1.06
CA TYR A 10 -5.84 3.71 1.58
C TYR A 10 -6.52 2.63 2.44
N GLY A 11 -7.26 3.04 3.44
CA GLY A 11 -7.95 2.06 4.32
C GLY A 11 -9.43 1.95 3.93
N ALA A 12 -9.98 0.77 4.04
CA ALA A 12 -11.42 0.55 3.69
C ALA A 12 -11.71 0.96 2.24
N THR A 13 -10.72 0.89 1.38
CA THR A 13 -10.92 1.26 -0.07
C THR A 13 -9.63 1.03 -0.86
N GLN A 14 -9.15 -0.19 -0.87
CA GLN A 14 -7.90 -0.48 -1.61
C GLN A 14 -7.89 -1.93 -2.11
N LYS A 15 -8.11 -2.14 -3.39
CA LYS A 15 -8.10 -3.54 -3.93
C LYS A 15 -6.68 -3.93 -4.40
N ILE A 16 -5.68 -3.26 -3.90
CA ILE A 16 -4.29 -3.57 -4.30
C ILE A 16 -3.35 -3.53 -3.07
N PRO A 17 -2.83 -4.68 -2.73
CA PRO A 17 -1.92 -4.79 -1.56
C PRO A 17 -0.52 -4.27 -1.90
N CYS A 18 0.14 -3.68 -0.93
CA CYS A 18 1.53 -3.16 -1.18
C CYS A 18 2.53 -4.32 -1.18
N CYS A 19 3.64 -4.19 -1.86
CA CYS A 19 4.65 -5.29 -1.89
C CYS A 19 5.02 -5.68 -0.45
N GLY A 20 5.07 -4.73 0.44
CA GLY A 20 5.40 -5.03 1.87
C GLY A 20 4.13 -4.90 2.71
N VAL A 21 3.94 -3.77 3.35
CA VAL A 21 2.71 -3.56 4.19
C VAL A 21 2.25 -2.10 4.08
N CYS A 22 1.15 -1.78 4.70
CA CYS A 22 0.65 -0.37 4.65
C CYS A 22 1.03 0.37 5.94
N SER A 23 1.75 1.46 5.83
CA SER A 23 2.15 2.22 7.04
C SER A 23 2.03 3.73 6.79
N HIS A 24 1.42 4.45 7.72
CA HIS A 24 1.26 5.93 7.54
C HIS A 24 0.61 6.23 6.18
N ASN A 25 -0.35 5.41 5.77
CA ASN A 25 -1.04 5.62 4.46
C ASN A 25 -0.04 5.45 3.30
N LYS A 26 0.84 4.49 3.39
CA LYS A 26 1.84 4.25 2.30
C LYS A 26 2.06 2.75 2.07
N CYS A 27 2.83 2.39 1.09
CA CYS A 27 3.10 0.95 0.81
C CYS A 27 4.58 0.65 1.09
N THR A 28 4.87 -0.01 2.18
CA THR A 28 6.30 -0.32 2.51
C THR A 28 6.71 -1.67 1.91
N LYS A 1 1.82 -9.88 -7.91
CA LYS A 1 2.38 -8.51 -8.14
C LYS A 1 1.80 -7.51 -7.13
N CYS A 2 2.52 -6.45 -6.85
CA CYS A 2 2.02 -5.44 -5.87
C CYS A 2 2.63 -4.06 -6.16
N LEU A 3 2.19 -3.05 -5.44
CA LEU A 3 2.72 -1.66 -5.66
C LEU A 3 4.11 -1.51 -5.00
N PRO A 4 4.88 -0.59 -5.52
CA PRO A 4 6.24 -0.34 -4.98
C PRO A 4 6.16 0.34 -3.60
N PRO A 5 7.26 0.32 -2.89
CA PRO A 5 7.32 0.94 -1.55
C PRO A 5 7.27 2.46 -1.64
N GLY A 6 6.52 3.11 -0.79
CA GLY A 6 6.43 4.60 -0.82
C GLY A 6 5.02 5.03 -1.25
N LYS A 7 4.38 4.29 -2.11
CA LYS A 7 3.01 4.66 -2.58
C LYS A 7 2.03 4.66 -1.40
N PRO A 8 1.38 5.79 -1.20
CA PRO A 8 0.41 5.92 -0.08
C PRO A 8 -0.87 5.14 -0.38
N CYS A 9 -1.37 4.39 0.58
CA CYS A 9 -2.61 3.60 0.37
C CYS A 9 -3.83 4.40 0.85
N TYR A 10 -5.01 4.05 0.38
CA TYR A 10 -6.24 4.79 0.82
C TYR A 10 -7.14 3.89 1.66
N GLY A 11 -7.20 4.14 2.94
CA GLY A 11 -8.06 3.33 3.86
C GLY A 11 -7.61 1.86 3.81
N ALA A 12 -8.54 0.95 3.97
CA ALA A 12 -8.20 -0.51 3.93
C ALA A 12 -9.13 -1.26 2.97
N THR A 13 -9.52 -0.64 1.88
CA THR A 13 -10.43 -1.33 0.90
C THR A 13 -10.05 -0.93 -0.53
N GLN A 14 -9.27 -1.75 -1.19
CA GLN A 14 -8.86 -1.44 -2.60
C GLN A 14 -8.54 -2.73 -3.37
N LYS A 15 -8.60 -2.67 -4.68
CA LYS A 15 -8.30 -3.89 -5.50
C LYS A 15 -6.80 -3.96 -5.84
N ILE A 16 -5.97 -3.30 -5.08
CA ILE A 16 -4.50 -3.31 -5.35
C ILE A 16 -3.70 -3.45 -4.04
N PRO A 17 -3.31 -4.67 -3.76
CA PRO A 17 -2.54 -4.95 -2.51
C PRO A 17 -1.07 -4.48 -2.65
N CYS A 18 -0.53 -3.89 -1.61
CA CYS A 18 0.89 -3.42 -1.66
C CYS A 18 1.84 -4.59 -1.41
N CYS A 19 3.09 -4.46 -1.79
CA CYS A 19 4.06 -5.58 -1.56
C CYS A 19 4.18 -5.85 -0.06
N GLY A 20 4.37 -4.81 0.72
CA GLY A 20 4.49 -4.99 2.21
C GLY A 20 3.16 -4.58 2.86
N VAL A 21 3.20 -3.59 3.72
CA VAL A 21 1.93 -3.13 4.38
C VAL A 21 1.85 -1.60 4.31
N CYS A 22 0.74 -1.03 4.70
CA CYS A 22 0.60 0.46 4.66
C CYS A 22 0.86 1.05 6.04
N SER A 23 1.99 1.70 6.21
CA SER A 23 2.32 2.32 7.53
C SER A 23 2.68 3.79 7.32
N HIS A 24 2.34 4.66 8.24
CA HIS A 24 2.65 6.11 8.07
C HIS A 24 2.05 6.64 6.76
N ASN A 25 0.89 6.13 6.38
CA ASN A 25 0.21 6.59 5.11
C ASN A 25 1.05 6.23 3.86
N LYS A 26 1.73 5.11 3.87
CA LYS A 26 2.53 4.71 2.67
C LYS A 26 2.85 3.20 2.73
N CYS A 27 2.78 2.53 1.61
CA CYS A 27 3.06 1.07 1.58
C CYS A 27 4.57 0.81 1.61
N THR A 28 5.02 0.00 2.54
CA THR A 28 6.49 -0.31 2.63
C THR A 28 6.84 -1.53 1.78
N LYS A 1 2.88 -9.91 -7.40
CA LYS A 1 3.03 -8.52 -7.92
C LYS A 1 2.42 -7.51 -6.93
N CYS A 2 2.97 -6.31 -6.87
CA CYS A 2 2.43 -5.27 -5.94
C CYS A 2 2.97 -3.89 -6.29
N LEU A 3 2.53 -2.87 -5.58
CA LEU A 3 2.99 -1.48 -5.87
C LEU A 3 4.39 -1.25 -5.27
N PRO A 4 5.09 -0.28 -5.81
CA PRO A 4 6.45 0.05 -5.32
C PRO A 4 6.40 0.65 -3.90
N PRO A 5 7.55 0.73 -3.28
CA PRO A 5 7.63 1.29 -1.90
C PRO A 5 7.38 2.79 -1.91
N GLY A 6 6.58 3.28 -0.99
CA GLY A 6 6.28 4.74 -0.94
C GLY A 6 4.85 5.00 -1.46
N LYS A 7 4.29 4.06 -2.19
CA LYS A 7 2.90 4.26 -2.73
C LYS A 7 1.89 4.43 -1.58
N PRO A 8 1.20 5.54 -1.58
CA PRO A 8 0.21 5.82 -0.52
C PRO A 8 -1.03 4.92 -0.69
N CYS A 9 -1.25 4.02 0.23
CA CYS A 9 -2.44 3.11 0.10
C CYS A 9 -3.56 3.57 1.04
N TYR A 10 -4.76 3.13 0.78
CA TYR A 10 -5.92 3.55 1.65
C TYR A 10 -6.25 2.43 2.65
N GLY A 11 -7.15 2.70 3.57
CA GLY A 11 -7.52 1.67 4.58
C GLY A 11 -8.92 1.11 4.28
N ALA A 12 -9.87 1.96 3.99
CA ALA A 12 -11.26 1.46 3.70
C ALA A 12 -11.58 1.56 2.20
N THR A 13 -10.59 1.51 1.36
CA THR A 13 -10.84 1.59 -0.12
C THR A 13 -9.56 1.28 -0.91
N GLN A 14 -9.05 0.10 -0.77
CA GLN A 14 -7.80 -0.27 -1.51
C GLN A 14 -7.85 -1.75 -1.91
N LYS A 15 -8.26 -2.04 -3.13
CA LYS A 15 -8.34 -3.46 -3.60
C LYS A 15 -7.03 -3.88 -4.28
N ILE A 16 -5.93 -3.25 -3.95
CA ILE A 16 -4.62 -3.63 -4.58
C ILE A 16 -3.61 -4.08 -3.51
N PRO A 17 -3.00 -5.21 -3.74
CA PRO A 17 -2.01 -5.76 -2.77
C PRO A 17 -0.67 -5.01 -2.87
N CYS A 18 -0.17 -4.53 -1.75
CA CYS A 18 1.14 -3.81 -1.77
C CYS A 18 2.29 -4.80 -1.54
N CYS A 19 3.50 -4.41 -1.84
CA CYS A 19 4.66 -5.33 -1.63
C CYS A 19 4.89 -5.53 -0.12
N GLY A 20 5.00 -4.45 0.62
CA GLY A 20 5.20 -4.56 2.09
C GLY A 20 3.84 -4.50 2.79
N VAL A 21 3.62 -3.49 3.60
CA VAL A 21 2.29 -3.37 4.30
C VAL A 21 1.83 -1.91 4.25
N CYS A 22 0.63 -1.65 4.72
CA CYS A 22 0.10 -0.25 4.71
C CYS A 22 0.44 0.45 6.03
N SER A 23 1.51 1.22 6.05
CA SER A 23 1.91 1.93 7.30
C SER A 23 2.11 3.42 7.00
N HIS A 24 1.67 4.29 7.88
CA HIS A 24 1.83 5.75 7.65
C HIS A 24 1.20 6.17 6.30
N ASN A 25 0.07 5.61 5.98
CA ASN A 25 -0.62 5.95 4.69
C ASN A 25 0.27 5.66 3.48
N LYS A 26 1.05 4.61 3.53
CA LYS A 26 1.93 4.26 2.37
C LYS A 26 2.34 2.77 2.43
N CYS A 27 2.95 2.27 1.38
CA CYS A 27 3.35 0.83 1.38
C CYS A 27 4.88 0.71 1.39
N THR A 28 5.41 -0.12 2.26
CA THR A 28 6.89 -0.30 2.33
C THR A 28 7.33 -1.44 1.40
N LYS A 1 1.88 -9.37 -8.89
CA LYS A 1 2.58 -8.05 -8.79
C LYS A 1 2.13 -7.29 -7.54
N CYS A 2 2.70 -6.15 -7.28
CA CYS A 2 2.32 -5.35 -6.08
C CYS A 2 2.75 -3.88 -6.24
N LEU A 3 2.33 -3.02 -5.34
CA LEU A 3 2.71 -1.58 -5.43
C LEU A 3 4.15 -1.39 -4.93
N PRO A 4 4.81 -0.37 -5.42
CA PRO A 4 6.20 -0.09 -5.00
C PRO A 4 6.23 0.48 -3.58
N PRO A 5 7.37 0.39 -2.96
CA PRO A 5 7.54 0.89 -1.58
C PRO A 5 7.64 2.43 -1.58
N GLY A 6 6.83 3.09 -0.79
CA GLY A 6 6.86 4.57 -0.76
C GLY A 6 5.52 5.13 -1.28
N LYS A 7 4.85 4.42 -2.15
CA LYS A 7 3.55 4.91 -2.68
C LYS A 7 2.51 4.98 -1.56
N PRO A 8 1.71 6.02 -1.59
CA PRO A 8 0.66 6.22 -0.56
C PRO A 8 -0.47 5.19 -0.74
N CYS A 9 -0.88 4.54 0.32
CA CYS A 9 -1.97 3.53 0.21
C CYS A 9 -3.22 4.02 0.97
N TYR A 10 -4.34 3.38 0.75
CA TYR A 10 -5.60 3.79 1.44
C TYR A 10 -6.09 2.67 2.36
N GLY A 11 -6.75 3.02 3.44
CA GLY A 11 -7.25 1.99 4.39
C GLY A 11 -8.79 1.90 4.28
N ALA A 12 -9.30 1.69 3.10
CA ALA A 12 -10.78 1.60 2.92
C ALA A 12 -11.12 0.50 1.90
N THR A 13 -10.56 -0.68 2.06
CA THR A 13 -10.83 -1.81 1.12
C THR A 13 -10.52 -1.41 -0.33
N GLN A 14 -9.31 -1.67 -0.77
CA GLN A 14 -8.92 -1.33 -2.17
C GLN A 14 -8.71 -2.60 -3.00
N LYS A 15 -8.76 -2.48 -4.31
CA LYS A 15 -8.57 -3.68 -5.18
C LYS A 15 -7.08 -3.86 -5.54
N ILE A 16 -6.19 -3.29 -4.75
CA ILE A 16 -4.74 -3.42 -5.04
C ILE A 16 -3.96 -3.73 -3.74
N PRO A 17 -3.41 -4.92 -3.68
CA PRO A 17 -2.64 -5.34 -2.48
C PRO A 17 -1.21 -4.79 -2.52
N CYS A 18 -0.73 -4.27 -1.41
CA CYS A 18 0.67 -3.73 -1.37
C CYS A 18 1.67 -4.87 -1.17
N CYS A 19 2.87 -4.70 -1.65
CA CYS A 19 3.91 -5.78 -1.49
C CYS A 19 4.18 -6.02 0.00
N GLY A 20 4.42 -4.96 0.75
CA GLY A 20 4.70 -5.11 2.20
C GLY A 20 3.46 -4.69 3.00
N VAL A 21 3.59 -3.68 3.83
CA VAL A 21 2.43 -3.19 4.63
C VAL A 21 2.31 -1.67 4.50
N CYS A 22 1.29 -1.09 5.07
CA CYS A 22 1.11 0.39 4.97
C CYS A 22 1.40 1.06 6.33
N SER A 23 2.20 2.09 6.32
CA SER A 23 2.52 2.82 7.58
C SER A 23 2.47 4.32 7.32
N HIS A 24 1.69 5.05 8.08
CA HIS A 24 1.57 6.53 7.85
C HIS A 24 1.10 6.77 6.41
N ASN A 25 0.12 6.01 5.97
CA ASN A 25 -0.42 6.14 4.58
C ASN A 25 0.69 5.88 3.54
N LYS A 26 1.60 4.98 3.84
CA LYS A 26 2.71 4.67 2.86
C LYS A 26 2.99 3.17 2.85
N CYS A 27 2.95 2.55 1.70
CA CYS A 27 3.20 1.07 1.64
C CYS A 27 4.70 0.79 1.51
N THR A 28 5.20 -0.15 2.28
CA THR A 28 6.66 -0.49 2.22
C THR A 28 6.91 -1.60 1.17
N LYS A 1 2.29 -9.03 -9.08
CA LYS A 1 2.99 -7.74 -8.83
C LYS A 1 2.20 -6.90 -7.82
N CYS A 2 2.88 -6.18 -6.95
CA CYS A 2 2.17 -5.34 -5.94
C CYS A 2 2.75 -3.92 -5.93
N LEU A 3 2.16 -3.03 -5.15
CA LEU A 3 2.66 -1.62 -5.08
C LEU A 3 4.07 -1.57 -4.49
N PRO A 4 4.95 -0.83 -5.13
CA PRO A 4 6.34 -0.71 -4.64
C PRO A 4 6.39 0.07 -3.32
N PRO A 5 7.53 0.01 -2.67
CA PRO A 5 7.70 0.71 -1.37
C PRO A 5 7.71 2.23 -1.56
N GLY A 6 6.90 2.93 -0.82
CA GLY A 6 6.83 4.42 -0.94
C GLY A 6 5.53 4.84 -1.65
N LYS A 7 4.66 3.90 -1.95
CA LYS A 7 3.38 4.26 -2.63
C LYS A 7 2.32 4.63 -1.58
N PRO A 8 1.51 5.61 -1.91
CA PRO A 8 0.45 6.06 -0.96
C PRO A 8 -0.64 4.99 -0.83
N CYS A 9 -1.06 4.69 0.38
CA CYS A 9 -2.12 3.67 0.60
C CYS A 9 -3.46 4.38 0.86
N TYR A 10 -4.54 3.81 0.39
CA TYR A 10 -5.87 4.46 0.60
C TYR A 10 -6.66 3.73 1.69
N GLY A 11 -6.42 4.06 2.93
CA GLY A 11 -7.15 3.40 4.06
C GLY A 11 -6.83 1.90 4.09
N ALA A 12 -7.78 1.10 4.50
CA ALA A 12 -7.55 -0.38 4.56
C ALA A 12 -8.58 -1.10 3.68
N THR A 13 -8.88 -0.56 2.53
CA THR A 13 -9.89 -1.19 1.63
C THR A 13 -9.63 -0.78 0.16
N GLN A 14 -8.57 -1.27 -0.41
CA GLN A 14 -8.26 -0.91 -1.83
C GLN A 14 -8.37 -2.15 -2.73
N LYS A 15 -8.51 -1.97 -4.01
CA LYS A 15 -8.60 -3.14 -4.95
C LYS A 15 -7.20 -3.55 -5.43
N ILE A 16 -6.18 -3.14 -4.74
CA ILE A 16 -4.78 -3.50 -5.14
C ILE A 16 -3.92 -3.77 -3.88
N PRO A 17 -3.35 -4.95 -3.84
CA PRO A 17 -2.51 -5.35 -2.67
C PRO A 17 -1.12 -4.70 -2.75
N CYS A 18 -0.61 -4.24 -1.64
CA CYS A 18 0.75 -3.62 -1.62
C CYS A 18 1.82 -4.68 -1.36
N CYS A 19 3.05 -4.44 -1.78
CA CYS A 19 4.12 -5.44 -1.55
C CYS A 19 4.37 -5.60 -0.04
N GLY A 20 4.44 -4.51 0.68
CA GLY A 20 4.65 -4.57 2.15
C GLY A 20 3.30 -4.47 2.87
N VAL A 21 3.09 -3.43 3.64
CA VAL A 21 1.79 -3.27 4.36
C VAL A 21 1.31 -1.82 4.24
N CYS A 22 0.13 -1.54 4.73
CA CYS A 22 -0.40 -0.14 4.66
C CYS A 22 -0.15 0.59 5.98
N SER A 23 0.82 1.48 6.00
CA SER A 23 1.14 2.23 7.24
C SER A 23 1.55 3.67 6.91
N HIS A 24 1.23 4.61 7.77
CA HIS A 24 1.60 6.05 7.52
C HIS A 24 1.07 6.51 6.15
N ASN A 25 -0.13 6.11 5.80
CA ASN A 25 -0.74 6.52 4.48
C ASN A 25 0.15 6.13 3.30
N LYS A 26 0.82 5.00 3.41
CA LYS A 26 1.71 4.54 2.28
C LYS A 26 2.03 3.05 2.42
N CYS A 27 2.76 2.50 1.48
CA CYS A 27 3.10 1.05 1.52
C CYS A 27 4.62 0.86 1.59
N THR A 28 5.08 0.01 2.47
CA THR A 28 6.56 -0.23 2.58
C THR A 28 7.00 -1.39 1.66
N LYS A 1 0.35 -7.90 -9.22
CA LYS A 1 1.66 -7.39 -8.67
C LYS A 1 1.40 -6.36 -7.57
N CYS A 2 2.17 -6.41 -6.50
CA CYS A 2 1.97 -5.44 -5.39
C CYS A 2 2.52 -4.05 -5.76
N LEU A 3 2.23 -3.04 -4.97
CA LEU A 3 2.72 -1.66 -5.28
C LEU A 3 4.14 -1.46 -4.73
N PRO A 4 4.90 -0.62 -5.40
CA PRO A 4 6.29 -0.33 -4.96
C PRO A 4 6.30 0.39 -3.61
N PRO A 5 7.47 0.46 -3.01
CA PRO A 5 7.61 1.12 -1.69
C PRO A 5 7.42 2.64 -1.79
N GLY A 6 6.60 3.21 -0.93
CA GLY A 6 6.37 4.69 -0.97
C GLY A 6 5.04 5.01 -1.66
N LYS A 7 4.29 4.01 -2.08
CA LYS A 7 2.98 4.29 -2.76
C LYS A 7 1.91 4.64 -1.73
N PRO A 8 0.98 5.48 -2.14
CA PRO A 8 -0.11 5.90 -1.22
C PRO A 8 -1.12 4.76 -1.02
N CYS A 9 -0.95 3.99 0.04
CA CYS A 9 -1.89 2.85 0.30
C CYS A 9 -3.09 3.33 1.11
N TYR A 10 -4.26 2.78 0.85
CA TYR A 10 -5.48 3.21 1.61
C TYR A 10 -5.81 2.20 2.70
N GLY A 11 -6.65 2.59 3.64
CA GLY A 11 -7.04 1.66 4.74
C GLY A 11 -8.05 0.64 4.22
N ALA A 12 -9.30 1.02 4.13
CA ALA A 12 -10.35 0.08 3.64
C ALA A 12 -10.83 0.47 2.23
N THR A 13 -9.97 1.08 1.45
CA THR A 13 -10.37 1.47 0.06
C THR A 13 -9.20 1.25 -0.91
N GLN A 14 -8.86 0.01 -1.15
CA GLN A 14 -7.72 -0.28 -2.07
C GLN A 14 -7.79 -1.74 -2.54
N LYS A 15 -7.91 -1.96 -3.83
CA LYS A 15 -7.98 -3.37 -4.35
C LYS A 15 -6.57 -3.89 -4.69
N ILE A 16 -5.55 -3.26 -4.15
CA ILE A 16 -4.15 -3.71 -4.43
C ILE A 16 -3.29 -3.56 -3.16
N PRO A 17 -2.84 -4.66 -2.64
CA PRO A 17 -2.01 -4.66 -1.41
C PRO A 17 -0.57 -4.22 -1.73
N CYS A 18 0.08 -3.56 -0.80
CA CYS A 18 1.50 -3.12 -1.03
C CYS A 18 2.43 -4.34 -1.02
N CYS A 19 3.61 -4.22 -1.59
CA CYS A 19 4.54 -5.39 -1.60
C CYS A 19 4.87 -5.81 -0.16
N GLY A 20 4.91 -4.87 0.76
CA GLY A 20 5.19 -5.21 2.18
C GLY A 20 3.93 -4.96 3.01
N VAL A 21 3.77 -3.76 3.52
CA VAL A 21 2.56 -3.44 4.34
C VAL A 21 2.08 -2.01 4.06
N CYS A 22 1.00 -1.60 4.66
CA CYS A 22 0.49 -0.20 4.43
C CYS A 22 0.48 0.56 5.75
N SER A 23 1.36 1.54 5.89
CA SER A 23 1.41 2.34 7.15
C SER A 23 1.46 3.83 6.82
N HIS A 24 0.69 4.62 7.52
CA HIS A 24 0.67 6.11 7.26
C HIS A 24 0.38 6.36 5.76
N ASN A 25 -0.49 5.55 5.17
CA ASN A 25 -0.82 5.70 3.72
C ASN A 25 0.43 5.49 2.85
N LYS A 26 1.29 4.58 3.25
CA LYS A 26 2.54 4.32 2.44
C LYS A 26 2.77 2.81 2.30
N CYS A 27 3.14 2.36 1.12
CA CYS A 27 3.40 0.91 0.93
C CYS A 27 4.81 0.56 1.41
N THR A 28 4.93 -0.07 2.55
CA THR A 28 6.29 -0.43 3.07
C THR A 28 6.68 -1.84 2.59
N LYS A 1 0.36 -5.95 -10.14
CA LYS A 1 1.32 -6.53 -9.15
C LYS A 1 1.28 -5.76 -7.83
N CYS A 2 2.13 -6.10 -6.91
CA CYS A 2 2.14 -5.38 -5.59
C CYS A 2 2.70 -3.95 -5.76
N LEU A 3 2.33 -3.06 -4.89
CA LEU A 3 2.83 -1.65 -4.99
C LEU A 3 4.26 -1.56 -4.47
N PRO A 4 5.04 -0.72 -5.10
CA PRO A 4 6.46 -0.54 -4.69
C PRO A 4 6.55 0.22 -3.35
N PRO A 5 7.72 0.21 -2.78
CA PRO A 5 7.93 0.90 -1.48
C PRO A 5 7.86 2.42 -1.64
N GLY A 6 6.95 3.06 -0.96
CA GLY A 6 6.81 4.54 -1.07
C GLY A 6 5.38 4.92 -1.49
N LYS A 7 4.69 4.03 -2.16
CA LYS A 7 3.29 4.35 -2.61
C LYS A 7 2.33 4.35 -1.41
N PRO A 8 1.54 5.41 -1.31
CA PRO A 8 0.56 5.53 -0.19
C PRO A 8 -0.58 4.53 -0.38
N CYS A 9 -0.87 3.76 0.65
CA CYS A 9 -1.97 2.74 0.54
C CYS A 9 -3.33 3.43 0.74
N TYR A 10 -4.40 2.75 0.40
CA TYR A 10 -5.76 3.36 0.56
C TYR A 10 -6.64 2.46 1.43
N GLY A 11 -7.45 3.05 2.28
CA GLY A 11 -8.34 2.23 3.16
C GLY A 11 -9.69 2.01 2.48
N ALA A 12 -10.74 1.83 3.26
CA ALA A 12 -12.10 1.61 2.69
C ALA A 12 -12.09 0.45 1.68
N THR A 13 -11.39 -0.62 1.99
CA THR A 13 -11.33 -1.81 1.08
C THR A 13 -10.73 -1.44 -0.29
N GLN A 14 -9.52 -1.84 -0.56
CA GLN A 14 -8.89 -1.52 -1.87
C GLN A 14 -8.58 -2.81 -2.64
N LYS A 15 -8.66 -2.76 -3.95
CA LYS A 15 -8.38 -3.98 -4.78
C LYS A 15 -6.89 -4.05 -5.16
N ILE A 16 -6.03 -3.42 -4.39
CA ILE A 16 -4.58 -3.44 -4.70
C ILE A 16 -3.77 -3.72 -3.42
N PRO A 17 -3.14 -4.87 -3.38
CA PRO A 17 -2.33 -5.27 -2.20
C PRO A 17 -0.93 -4.66 -2.29
N CYS A 18 -0.41 -4.18 -1.18
CA CYS A 18 0.96 -3.58 -1.18
C CYS A 18 2.00 -4.66 -0.88
N CYS A 19 3.14 -4.62 -1.55
CA CYS A 19 4.20 -5.64 -1.30
C CYS A 19 4.55 -5.66 0.19
N GLY A 20 4.73 -4.51 0.79
CA GLY A 20 5.05 -4.45 2.25
C GLY A 20 3.77 -4.19 3.04
N VAL A 21 3.79 -3.25 3.95
CA VAL A 21 2.57 -2.93 4.74
C VAL A 21 2.27 -1.44 4.65
N CYS A 22 1.14 -1.00 5.17
CA CYS A 22 0.80 0.45 5.11
C CYS A 22 1.18 1.14 6.42
N SER A 23 2.22 1.93 6.40
CA SER A 23 2.65 2.65 7.63
C SER A 23 2.91 4.12 7.29
N HIS A 24 2.25 5.03 7.99
CA HIS A 24 2.44 6.49 7.71
C HIS A 24 1.94 6.83 6.30
N ASN A 25 0.83 6.23 5.90
CA ASN A 25 0.25 6.51 4.55
C ASN A 25 1.22 6.12 3.42
N LYS A 26 1.80 4.95 3.50
CA LYS A 26 2.76 4.51 2.43
C LYS A 26 3.05 3.00 2.56
N CYS A 27 3.36 2.36 1.48
CA CYS A 27 3.66 0.90 1.53
C CYS A 27 5.17 0.67 1.43
N THR A 28 5.70 -0.24 2.22
CA THR A 28 7.16 -0.51 2.16
C THR A 28 7.47 -1.64 1.17
N LYS A 1 0.89 -8.73 -9.29
CA LYS A 1 2.06 -8.12 -8.59
C LYS A 1 1.60 -7.00 -7.64
N CYS A 2 2.48 -6.50 -6.83
CA CYS A 2 2.10 -5.41 -5.87
C CYS A 2 2.92 -4.14 -6.14
N LEU A 3 2.60 -3.06 -5.48
CA LEU A 3 3.34 -1.77 -5.69
C LEU A 3 4.62 -1.75 -4.84
N PRO A 4 5.60 -1.01 -5.32
CA PRO A 4 6.89 -0.89 -4.59
C PRO A 4 6.71 -0.10 -3.28
N PRO A 5 7.75 -0.09 -2.48
CA PRO A 5 7.70 0.63 -1.19
C PRO A 5 7.67 2.15 -1.41
N GLY A 6 6.66 2.82 -0.88
CA GLY A 6 6.56 4.29 -1.06
C GLY A 6 5.18 4.66 -1.61
N LYS A 7 4.52 3.74 -2.29
CA LYS A 7 3.16 4.03 -2.85
C LYS A 7 2.17 4.33 -1.71
N PRO A 8 1.36 5.34 -1.89
CA PRO A 8 0.36 5.72 -0.85
C PRO A 8 -0.82 4.73 -0.84
N CYS A 9 -1.24 4.31 0.32
CA CYS A 9 -2.40 3.36 0.42
C CYS A 9 -3.61 4.07 1.03
N TYR A 10 -4.72 4.05 0.34
CA TYR A 10 -5.95 4.75 0.86
C TYR A 10 -6.68 3.85 1.88
N GLY A 11 -6.31 3.93 3.12
CA GLY A 11 -6.96 3.08 4.17
C GLY A 11 -6.54 1.63 4.00
N ALA A 12 -7.32 0.71 4.48
CA ALA A 12 -6.97 -0.74 4.35
C ALA A 12 -8.04 -1.48 3.54
N THR A 13 -8.68 -0.81 2.62
CA THR A 13 -9.73 -1.46 1.79
C THR A 13 -9.69 -0.92 0.35
N GLN A 14 -8.92 -1.55 -0.50
CA GLN A 14 -8.81 -1.07 -1.91
C GLN A 14 -8.52 -2.25 -2.86
N LYS A 15 -8.63 -2.03 -4.15
CA LYS A 15 -8.35 -3.13 -5.12
C LYS A 15 -6.87 -3.13 -5.51
N ILE A 16 -6.02 -2.59 -4.67
CA ILE A 16 -4.56 -2.57 -4.99
C ILE A 16 -3.75 -3.03 -3.75
N PRO A 17 -3.21 -4.22 -3.84
CA PRO A 17 -2.40 -4.78 -2.74
C PRO A 17 -0.95 -4.29 -2.82
N CYS A 18 -0.42 -3.78 -1.73
CA CYS A 18 0.99 -3.29 -1.74
C CYS A 18 1.94 -4.43 -1.35
N CYS A 19 3.15 -4.42 -1.86
CA CYS A 19 4.12 -5.51 -1.51
C CYS A 19 4.28 -5.59 0.01
N GLY A 20 4.41 -4.47 0.68
CA GLY A 20 4.55 -4.48 2.16
C GLY A 20 3.16 -4.29 2.78
N VAL A 21 2.98 -3.27 3.58
CA VAL A 21 1.65 -3.03 4.22
C VAL A 21 1.32 -1.53 4.21
N CYS A 22 0.13 -1.17 4.61
CA CYS A 22 -0.26 0.27 4.64
C CYS A 22 0.12 0.90 5.98
N SER A 23 1.04 1.84 5.97
CA SER A 23 1.48 2.50 7.24
C SER A 23 1.51 4.01 7.03
N HIS A 24 0.76 4.76 7.79
CA HIS A 24 0.74 6.25 7.63
C HIS A 24 0.42 6.60 6.16
N ASN A 25 -0.56 5.93 5.60
CA ASN A 25 -0.94 6.20 4.17
C ASN A 25 0.24 5.90 3.22
N LYS A 26 1.04 4.91 3.55
CA LYS A 26 2.21 4.55 2.68
C LYS A 26 2.33 3.02 2.55
N CYS A 27 3.10 2.56 1.60
CA CYS A 27 3.26 1.08 1.43
C CYS A 27 4.73 0.71 1.66
N THR A 28 5.02 -0.01 2.71
CA THR A 28 6.44 -0.40 2.99
C THR A 28 6.75 -1.76 2.34
N LYS A 1 3.28 -8.87 -8.87
CA LYS A 1 2.10 -7.96 -9.00
C LYS A 1 1.86 -7.21 -7.68
N CYS A 2 2.72 -6.29 -7.34
CA CYS A 2 2.54 -5.52 -6.07
C CYS A 2 3.05 -4.08 -6.23
N LEU A 3 2.66 -3.21 -5.35
CA LEU A 3 3.09 -1.77 -5.45
C LEU A 3 4.49 -1.59 -4.84
N PRO A 4 5.22 -0.63 -5.38
CA PRO A 4 6.59 -0.34 -4.88
C PRO A 4 6.54 0.34 -3.51
N PRO A 5 7.66 0.32 -2.83
CA PRO A 5 7.74 0.94 -1.47
C PRO A 5 7.72 2.48 -1.58
N GLY A 6 6.65 3.09 -1.11
CA GLY A 6 6.55 4.59 -1.19
C GLY A 6 5.17 5.01 -1.68
N LYS A 7 4.47 4.14 -2.39
CA LYS A 7 3.10 4.50 -2.90
C LYS A 7 2.12 4.63 -1.73
N PRO A 8 1.20 5.57 -1.85
CA PRO A 8 0.19 5.81 -0.79
C PRO A 8 -0.85 4.68 -0.76
N CYS A 9 -1.35 4.34 0.41
CA CYS A 9 -2.38 3.26 0.50
C CYS A 9 -3.51 3.67 1.46
N TYR A 10 -4.68 3.12 1.27
CA TYR A 10 -5.83 3.47 2.17
C TYR A 10 -6.26 2.23 2.97
N GLY A 11 -7.19 2.39 3.87
CA GLY A 11 -7.65 1.24 4.71
C GLY A 11 -9.06 0.81 4.27
N ALA A 12 -9.96 1.74 4.09
CA ALA A 12 -11.35 1.38 3.68
C ALA A 12 -11.53 1.45 2.15
N THR A 13 -10.46 1.29 1.41
CA THR A 13 -10.56 1.33 -0.09
C THR A 13 -9.22 0.96 -0.73
N GLN A 14 -8.79 -0.26 -0.56
CA GLN A 14 -7.50 -0.71 -1.15
C GLN A 14 -7.70 -2.02 -1.93
N LYS A 15 -7.95 -1.92 -3.22
CA LYS A 15 -8.16 -3.16 -4.04
C LYS A 15 -6.83 -3.65 -4.63
N ILE A 16 -5.72 -3.31 -4.02
CA ILE A 16 -4.39 -3.74 -4.54
C ILE A 16 -3.51 -4.24 -3.40
N PRO A 17 -2.95 -5.41 -3.58
CA PRO A 17 -2.07 -6.00 -2.55
C PRO A 17 -0.66 -5.41 -2.63
N CYS A 18 -0.35 -4.47 -1.77
CA CYS A 18 1.01 -3.84 -1.80
C CYS A 18 2.07 -4.89 -1.45
N CYS A 19 3.28 -4.73 -1.93
CA CYS A 19 4.35 -5.73 -1.61
C CYS A 19 4.62 -5.73 -0.10
N GLY A 20 4.71 -4.57 0.51
CA GLY A 20 4.95 -4.51 1.98
C GLY A 20 3.61 -4.32 2.69
N VAL A 21 3.48 -3.29 3.50
CA VAL A 21 2.19 -3.05 4.22
C VAL A 21 1.85 -1.56 4.19
N CYS A 22 0.69 -1.19 4.69
CA CYS A 22 0.29 0.24 4.69
C CYS A 22 0.67 0.90 6.02
N SER A 23 1.66 1.77 6.01
CA SER A 23 2.09 2.45 7.26
C SER A 23 2.12 3.97 7.02
N HIS A 24 1.47 4.73 7.86
CA HIS A 24 1.43 6.22 7.67
C HIS A 24 0.83 6.54 6.29
N ASN A 25 -0.11 5.73 5.84
CA ASN A 25 -0.76 5.92 4.50
C ASN A 25 0.24 5.64 3.37
N LYS A 26 1.24 4.83 3.62
CA LYS A 26 2.25 4.51 2.56
C LYS A 26 2.45 2.99 2.46
N CYS A 27 2.90 2.52 1.32
CA CYS A 27 3.13 1.04 1.16
C CYS A 27 4.62 0.74 1.23
N THR A 28 5.04 -0.08 2.17
CA THR A 28 6.48 -0.43 2.29
C THR A 28 6.82 -1.68 1.45
N LYS A 1 1.96 -9.00 -8.69
CA LYS A 1 2.00 -7.59 -9.14
C LYS A 1 1.68 -6.65 -7.96
N CYS A 2 2.55 -6.59 -6.98
CA CYS A 2 2.29 -5.70 -5.80
C CYS A 2 2.86 -4.30 -6.06
N LEU A 3 2.58 -3.37 -5.20
CA LEU A 3 3.11 -1.97 -5.40
C LEU A 3 4.48 -1.82 -4.74
N PRO A 4 5.30 -0.97 -5.30
CA PRO A 4 6.65 -0.74 -4.74
C PRO A 4 6.56 0.01 -3.40
N PRO A 5 7.61 -0.08 -2.63
CA PRO A 5 7.65 0.60 -1.30
C PRO A 5 7.75 2.11 -1.48
N GLY A 6 6.81 2.85 -0.93
CA GLY A 6 6.84 4.34 -1.07
C GLY A 6 5.50 4.84 -1.61
N LYS A 7 4.87 4.09 -2.48
CA LYS A 7 3.55 4.52 -3.05
C LYS A 7 2.51 4.69 -1.93
N PRO A 8 1.49 5.46 -2.21
CA PRO A 8 0.41 5.71 -1.21
C PRO A 8 -0.48 4.46 -1.06
N CYS A 9 -1.22 4.38 0.02
CA CYS A 9 -2.11 3.22 0.24
C CYS A 9 -3.29 3.58 1.16
N TYR A 10 -4.35 2.82 1.11
CA TYR A 10 -5.53 3.10 1.98
C TYR A 10 -5.90 1.85 2.78
N GLY A 11 -6.34 2.02 4.00
CA GLY A 11 -6.70 0.84 4.85
C GLY A 11 -8.18 0.46 4.67
N ALA A 12 -8.46 -0.80 4.48
CA ALA A 12 -9.88 -1.27 4.32
C ALA A 12 -10.57 -0.57 3.14
N THR A 13 -9.84 -0.17 2.13
CA THR A 13 -10.48 0.51 0.95
C THR A 13 -9.45 0.75 -0.16
N GLN A 14 -9.01 -0.31 -0.81
CA GLN A 14 -8.00 -0.13 -1.90
C GLN A 14 -8.15 -1.23 -2.96
N LYS A 15 -7.99 -0.89 -4.22
CA LYS A 15 -8.10 -1.93 -5.30
C LYS A 15 -6.74 -2.55 -5.60
N ILE A 16 -5.76 -2.30 -4.77
CA ILE A 16 -4.40 -2.86 -4.98
C ILE A 16 -3.69 -3.08 -3.63
N PRO A 17 -3.20 -4.29 -3.43
CA PRO A 17 -2.50 -4.62 -2.17
C PRO A 17 -1.06 -4.09 -2.17
N CYS A 18 -0.56 -3.75 -1.00
CA CYS A 18 0.84 -3.22 -0.89
C CYS A 18 1.81 -4.40 -0.71
N CYS A 19 2.93 -4.39 -1.40
CA CYS A 19 3.91 -5.51 -1.25
C CYS A 19 4.35 -5.65 0.23
N GLY A 20 4.54 -4.54 0.91
CA GLY A 20 4.96 -4.61 2.35
C GLY A 20 3.74 -4.41 3.23
N VAL A 21 3.61 -3.25 3.85
CA VAL A 21 2.42 -2.99 4.73
C VAL A 21 1.87 -1.59 4.45
N CYS A 22 0.77 -1.24 5.06
CA CYS A 22 0.18 0.11 4.86
C CYS A 22 0.57 1.00 6.05
N SER A 23 1.57 1.81 5.88
CA SER A 23 2.02 2.70 6.99
C SER A 23 1.25 4.02 6.93
N HIS A 24 1.93 5.14 7.04
CA HIS A 24 1.21 6.45 6.99
C HIS A 24 0.62 6.68 5.59
N ASN A 25 -0.46 5.98 5.28
CA ASN A 25 -1.12 6.11 3.95
C ASN A 25 -0.11 5.78 2.82
N LYS A 26 0.60 4.68 2.95
CA LYS A 26 1.58 4.31 1.88
C LYS A 26 2.07 2.85 2.05
N CYS A 27 2.34 2.19 0.95
CA CYS A 27 2.83 0.77 1.02
C CYS A 27 4.33 0.76 1.37
N THR A 28 4.72 0.09 2.43
CA THR A 28 6.17 0.04 2.81
C THR A 28 6.88 -1.11 2.08
N LYS A 1 1.35 -8.27 -9.48
CA LYS A 1 2.28 -7.13 -9.29
C LYS A 1 1.91 -6.36 -8.01
N CYS A 2 2.79 -6.33 -7.04
CA CYS A 2 2.51 -5.60 -5.77
C CYS A 2 2.81 -4.11 -5.93
N LEU A 3 2.40 -3.31 -4.97
CA LEU A 3 2.67 -1.83 -5.05
C LEU A 3 4.12 -1.55 -4.66
N PRO A 4 4.69 -0.53 -5.25
CA PRO A 4 6.09 -0.15 -4.94
C PRO A 4 6.17 0.45 -3.54
N PRO A 5 7.35 0.41 -2.97
CA PRO A 5 7.56 0.94 -1.61
C PRO A 5 7.56 2.48 -1.62
N GLY A 6 6.59 3.09 -0.99
CA GLY A 6 6.54 4.58 -0.96
C GLY A 6 5.19 5.06 -1.53
N LYS A 7 4.60 4.31 -2.42
CA LYS A 7 3.29 4.74 -3.03
C LYS A 7 2.24 4.96 -1.93
N PRO A 8 1.31 5.84 -2.21
CA PRO A 8 0.23 6.16 -1.23
C PRO A 8 -0.73 4.97 -1.09
N CYS A 9 -0.68 4.29 0.03
CA CYS A 9 -1.58 3.12 0.26
C CYS A 9 -2.89 3.59 0.89
N TYR A 10 -3.99 2.95 0.56
CA TYR A 10 -5.31 3.34 1.14
C TYR A 10 -5.70 2.40 2.29
N GLY A 11 -6.54 2.86 3.19
CA GLY A 11 -6.97 2.01 4.33
C GLY A 11 -8.45 1.66 4.20
N ALA A 12 -8.79 0.39 4.33
CA ALA A 12 -10.22 -0.05 4.24
C ALA A 12 -10.87 0.42 2.91
N THR A 13 -10.08 0.52 1.86
CA THR A 13 -10.65 0.95 0.54
C THR A 13 -9.57 0.86 -0.54
N GLN A 14 -9.04 -0.32 -0.75
CA GLN A 14 -7.96 -0.49 -1.78
C GLN A 14 -8.02 -1.89 -2.40
N LYS A 15 -8.17 -1.97 -3.70
CA LYS A 15 -8.21 -3.32 -4.37
C LYS A 15 -6.80 -3.75 -4.79
N ILE A 16 -5.79 -3.20 -4.19
CA ILE A 16 -4.39 -3.57 -4.54
C ILE A 16 -3.54 -3.71 -3.26
N PRO A 17 -3.02 -4.89 -3.06
CA PRO A 17 -2.19 -5.17 -1.85
C PRO A 17 -0.78 -4.59 -2.00
N CYS A 18 -0.27 -4.00 -0.95
CA CYS A 18 1.12 -3.43 -1.01
C CYS A 18 2.14 -4.56 -0.86
N CYS A 19 3.28 -4.46 -1.52
CA CYS A 19 4.31 -5.54 -1.41
C CYS A 19 4.59 -5.82 0.08
N GLY A 20 4.86 -4.80 0.85
CA GLY A 20 5.11 -4.99 2.31
C GLY A 20 3.78 -4.81 3.04
N VAL A 21 3.55 -3.67 3.65
CA VAL A 21 2.27 -3.44 4.38
C VAL A 21 1.84 -1.97 4.22
N CYS A 22 0.71 -1.62 4.76
CA CYS A 22 0.22 -0.22 4.67
C CYS A 22 0.57 0.56 5.94
N SER A 23 1.45 1.53 5.84
CA SER A 23 1.84 2.35 7.02
C SER A 23 0.99 3.62 7.05
N HIS A 24 1.58 4.75 7.36
CA HIS A 24 0.80 6.02 7.37
C HIS A 24 0.44 6.40 5.93
N ASN A 25 -0.55 5.73 5.36
CA ASN A 25 -0.95 6.00 3.95
C ASN A 25 0.23 5.71 2.99
N LYS A 26 1.03 4.72 3.31
CA LYS A 26 2.20 4.38 2.44
C LYS A 26 2.33 2.86 2.27
N CYS A 27 3.11 2.43 1.32
CA CYS A 27 3.31 0.95 1.11
C CYS A 27 4.76 0.59 1.47
N THR A 28 4.96 -0.11 2.56
CA THR A 28 6.35 -0.49 2.96
C THR A 28 6.73 -1.86 2.36
N LYS A 1 0.81 -7.89 -10.03
CA LYS A 1 2.05 -7.52 -9.31
C LYS A 1 1.73 -6.66 -8.08
N CYS A 2 2.62 -6.61 -7.12
CA CYS A 2 2.36 -5.79 -5.90
C CYS A 2 2.85 -4.35 -6.11
N LEU A 3 2.54 -3.48 -5.18
CA LEU A 3 2.98 -2.05 -5.31
C LEU A 3 4.35 -1.86 -4.66
N PRO A 4 5.10 -0.91 -5.20
CA PRO A 4 6.46 -0.63 -4.66
C PRO A 4 6.38 0.08 -3.30
N PRO A 5 7.47 0.04 -2.58
CA PRO A 5 7.53 0.69 -1.25
C PRO A 5 7.61 2.21 -1.39
N GLY A 6 6.60 2.91 -0.96
CA GLY A 6 6.59 4.39 -1.08
C GLY A 6 5.24 4.87 -1.61
N LYS A 7 4.62 4.11 -2.47
CA LYS A 7 3.28 4.50 -3.03
C LYS A 7 2.26 4.69 -1.91
N PRO A 8 1.43 5.69 -2.04
CA PRO A 8 0.39 5.96 -1.02
C PRO A 8 -0.72 4.92 -1.06
N CYS A 9 -1.18 4.46 0.07
CA CYS A 9 -2.26 3.44 0.09
C CYS A 9 -3.35 3.83 1.11
N TYR A 10 -4.51 3.23 1.01
CA TYR A 10 -5.61 3.55 1.97
C TYR A 10 -5.64 2.53 3.11
N GLY A 11 -6.36 2.81 4.16
CA GLY A 11 -6.44 1.87 5.31
C GLY A 11 -7.14 0.58 4.86
N ALA A 12 -8.38 0.67 4.46
CA ALA A 12 -9.12 -0.54 4.01
C ALA A 12 -9.94 -0.21 2.75
N THR A 13 -9.41 0.60 1.86
CA THR A 13 -10.15 0.95 0.62
C THR A 13 -9.21 0.91 -0.59
N GLN A 14 -8.84 -0.26 -1.03
CA GLN A 14 -7.93 -0.39 -2.20
C GLN A 14 -7.96 -1.82 -2.75
N LYS A 15 -8.19 -1.98 -4.02
CA LYS A 15 -8.23 -3.36 -4.62
C LYS A 15 -6.85 -3.78 -5.13
N ILE A 16 -5.80 -3.22 -4.59
CA ILE A 16 -4.42 -3.58 -5.04
C ILE A 16 -3.57 -4.05 -3.83
N PRO A 17 -3.00 -5.22 -3.97
CA PRO A 17 -2.17 -5.80 -2.88
C PRO A 17 -0.79 -5.12 -2.82
N CYS A 18 -0.43 -4.58 -1.68
CA CYS A 18 0.91 -3.93 -1.54
C CYS A 18 1.96 -4.95 -1.09
N CYS A 19 3.14 -4.90 -1.65
CA CYS A 19 4.20 -5.87 -1.24
C CYS A 19 4.48 -5.75 0.27
N GLY A 20 4.52 -4.54 0.78
CA GLY A 20 4.76 -4.34 2.23
C GLY A 20 3.43 -4.21 2.96
N VAL A 21 3.27 -3.20 3.78
CA VAL A 21 1.96 -3.01 4.50
C VAL A 21 1.51 -1.55 4.39
N CYS A 22 0.32 -1.25 4.85
CA CYS A 22 -0.17 0.15 4.77
C CYS A 22 0.13 0.90 6.06
N SER A 23 1.12 1.75 6.04
CA SER A 23 1.49 2.53 7.26
C SER A 23 1.70 4.00 6.89
N HIS A 24 1.22 4.90 7.71
CA HIS A 24 1.39 6.37 7.42
C HIS A 24 0.80 6.71 6.04
N ASN A 25 -0.29 6.08 5.67
CA ASN A 25 -0.95 6.34 4.35
C ASN A 25 -0.01 6.00 3.18
N LYS A 26 0.86 5.03 3.36
CA LYS A 26 1.80 4.64 2.25
C LYS A 26 2.26 3.19 2.45
N CYS A 27 2.54 2.50 1.37
CA CYS A 27 3.00 1.08 1.48
C CYS A 27 4.52 1.02 1.67
N THR A 28 4.99 0.32 2.66
CA THR A 28 6.46 0.23 2.89
C THR A 28 7.06 -0.98 2.13
N LYS A 1 2.95 -6.71 -9.46
CA LYS A 1 1.50 -6.42 -9.23
C LYS A 1 1.27 -5.71 -7.89
N CYS A 2 2.06 -6.04 -6.89
CA CYS A 2 1.89 -5.39 -5.55
C CYS A 2 2.26 -3.90 -5.63
N LEU A 3 1.95 -3.15 -4.60
CA LEU A 3 2.30 -1.69 -4.61
C LEU A 3 3.78 -1.51 -4.27
N PRO A 4 4.40 -0.55 -4.93
CA PRO A 4 5.84 -0.28 -4.68
C PRO A 4 6.03 0.38 -3.31
N PRO A 5 7.24 0.33 -2.81
CA PRO A 5 7.53 0.91 -1.49
C PRO A 5 7.52 2.45 -1.58
N GLY A 6 6.55 3.07 -0.97
CA GLY A 6 6.46 4.56 -1.02
C GLY A 6 5.06 4.98 -1.49
N LYS A 7 4.49 4.25 -2.43
CA LYS A 7 3.13 4.60 -2.94
C LYS A 7 2.12 4.66 -1.79
N PRO A 8 1.24 5.62 -1.83
CA PRO A 8 0.22 5.77 -0.76
C PRO A 8 -0.81 4.63 -0.81
N CYS A 9 -1.03 3.97 0.30
CA CYS A 9 -2.01 2.86 0.34
C CYS A 9 -3.32 3.32 0.98
N TYR A 10 -4.45 2.94 0.41
CA TYR A 10 -5.76 3.36 0.98
C TYR A 10 -6.10 2.52 2.22
N GLY A 11 -6.91 3.06 3.10
CA GLY A 11 -7.30 2.31 4.33
C GLY A 11 -8.52 1.44 4.03
N ALA A 12 -8.31 0.16 3.83
CA ALA A 12 -9.45 -0.77 3.53
C ALA A 12 -10.27 -0.27 2.32
N THR A 13 -9.62 0.38 1.38
CA THR A 13 -10.36 0.89 0.18
C THR A 13 -9.47 0.77 -1.07
N GLN A 14 -9.17 -0.45 -1.46
CA GLN A 14 -8.30 -0.65 -2.66
C GLN A 14 -8.26 -2.13 -3.05
N LYS A 15 -8.35 -2.43 -4.32
CA LYS A 15 -8.31 -3.86 -4.76
C LYS A 15 -6.86 -4.30 -5.06
N ILE A 16 -5.90 -3.65 -4.46
CA ILE A 16 -4.47 -4.02 -4.69
C ILE A 16 -3.68 -3.92 -3.37
N PRO A 17 -3.24 -5.05 -2.89
CA PRO A 17 -2.48 -5.11 -1.60
C PRO A 17 -1.05 -4.55 -1.76
N CYS A 18 -0.50 -4.03 -0.69
CA CYS A 18 0.89 -3.49 -0.75
C CYS A 18 1.90 -4.63 -0.60
N CYS A 19 3.00 -4.57 -1.31
CA CYS A 19 4.03 -5.66 -1.20
C CYS A 19 4.40 -5.87 0.29
N GLY A 20 4.77 -4.81 0.97
CA GLY A 20 5.10 -4.93 2.42
C GLY A 20 3.82 -4.70 3.22
N VAL A 21 3.62 -3.51 3.74
CA VAL A 21 2.38 -3.22 4.52
C VAL A 21 1.92 -1.77 4.28
N CYS A 22 0.78 -1.41 4.81
CA CYS A 22 0.27 -0.02 4.63
C CYS A 22 0.50 0.79 5.91
N SER A 23 1.55 1.55 5.96
CA SER A 23 1.86 2.37 7.17
C SER A 23 2.28 3.78 6.75
N HIS A 24 2.13 4.75 7.62
CA HIS A 24 2.52 6.16 7.27
C HIS A 24 1.84 6.58 5.94
N ASN A 25 0.64 6.08 5.71
CA ASN A 25 -0.09 6.43 4.45
C ASN A 25 0.73 6.03 3.21
N LYS A 26 1.33 4.85 3.23
CA LYS A 26 2.14 4.40 2.06
C LYS A 26 2.49 2.91 2.17
N CYS A 27 2.91 2.31 1.09
CA CYS A 27 3.29 0.87 1.10
C CYS A 27 4.76 0.72 1.45
N THR A 28 5.06 0.02 2.51
CA THR A 28 6.50 -0.16 2.90
C THR A 28 7.09 -1.40 2.23
N LYS A 1 3.97 -7.30 -9.27
CA LYS A 1 2.48 -7.42 -9.19
C LYS A 1 1.92 -6.49 -8.10
N CYS A 2 2.61 -6.35 -7.01
CA CYS A 2 2.10 -5.44 -5.92
C CYS A 2 2.78 -4.07 -5.99
N LEU A 3 2.29 -3.12 -5.23
CA LEU A 3 2.87 -1.75 -5.24
C LEU A 3 4.21 -1.73 -4.49
N PRO A 4 5.19 -1.06 -5.06
CA PRO A 4 6.53 -0.97 -4.43
C PRO A 4 6.47 -0.15 -3.14
N PRO A 5 7.49 -0.28 -2.34
CA PRO A 5 7.55 0.46 -1.05
C PRO A 5 7.73 1.96 -1.31
N GLY A 6 6.94 2.78 -0.66
CA GLY A 6 7.06 4.25 -0.86
C GLY A 6 5.75 4.77 -1.47
N LYS A 7 5.11 3.99 -2.30
CA LYS A 7 3.81 4.42 -2.93
C LYS A 7 2.77 4.71 -1.84
N PRO A 8 1.80 5.53 -2.18
CA PRO A 8 0.73 5.89 -1.21
C PRO A 8 -0.25 4.73 -1.02
N CYS A 9 -1.11 4.84 -0.04
CA CYS A 9 -2.11 3.76 0.23
C CYS A 9 -3.43 4.40 0.68
N TYR A 10 -4.54 3.82 0.32
CA TYR A 10 -5.87 4.40 0.72
C TYR A 10 -6.42 3.69 1.96
N GLY A 11 -5.84 3.92 3.11
CA GLY A 11 -6.33 3.29 4.37
C GLY A 11 -6.33 1.76 4.22
N ALA A 12 -7.31 1.09 4.79
CA ALA A 12 -7.37 -0.39 4.69
C ALA A 12 -8.54 -0.82 3.79
N THR A 13 -8.86 -0.04 2.79
CA THR A 13 -9.99 -0.39 1.88
C THR A 13 -9.58 -0.16 0.41
N GLN A 14 -9.00 -1.14 -0.22
CA GLN A 14 -8.58 -0.99 -1.65
C GLN A 14 -8.42 -2.36 -2.30
N LYS A 15 -8.71 -2.46 -3.58
CA LYS A 15 -8.56 -3.78 -4.28
C LYS A 15 -7.16 -3.93 -4.90
N ILE A 16 -6.19 -3.21 -4.38
CA ILE A 16 -4.79 -3.34 -4.92
C ILE A 16 -3.83 -3.81 -3.81
N PRO A 17 -3.21 -4.94 -4.06
CA PRO A 17 -2.27 -5.53 -3.07
C PRO A 17 -0.93 -4.80 -3.05
N CYS A 18 -0.51 -4.32 -1.89
CA CYS A 18 0.80 -3.63 -1.80
C CYS A 18 1.88 -4.65 -1.47
N CYS A 19 3.10 -4.45 -1.94
CA CYS A 19 4.19 -5.43 -1.66
C CYS A 19 4.41 -5.56 -0.14
N GLY A 20 4.31 -4.47 0.58
CA GLY A 20 4.50 -4.52 2.07
C GLY A 20 3.14 -4.37 2.74
N VAL A 21 2.99 -3.37 3.59
CA VAL A 21 1.68 -3.15 4.28
C VAL A 21 1.30 -1.67 4.20
N CYS A 22 0.13 -1.33 4.68
CA CYS A 22 -0.32 0.10 4.62
C CYS A 22 -0.05 0.80 5.97
N SER A 23 0.88 1.72 5.99
CA SER A 23 1.20 2.45 7.26
C SER A 23 1.27 3.95 6.99
N HIS A 24 0.57 4.73 7.79
CA HIS A 24 0.55 6.23 7.59
C HIS A 24 0.11 6.58 6.16
N ASN A 25 -0.82 5.83 5.62
CA ASN A 25 -1.34 6.08 4.24
C ASN A 25 -0.25 5.78 3.19
N LYS A 26 0.70 4.94 3.52
CA LYS A 26 1.79 4.59 2.55
C LYS A 26 1.90 3.07 2.42
N CYS A 27 2.70 2.59 1.50
CA CYS A 27 2.87 1.10 1.34
C CYS A 27 4.35 0.74 1.40
N THR A 28 4.71 -0.16 2.28
CA THR A 28 6.15 -0.56 2.38
C THR A 28 6.45 -1.76 1.45
N LYS A 1 0.98 -9.29 -8.46
CA LYS A 1 2.06 -8.26 -8.43
C LYS A 1 1.93 -7.37 -7.19
N CYS A 2 2.83 -6.44 -7.02
CA CYS A 2 2.76 -5.53 -5.83
C CYS A 2 3.31 -4.14 -6.18
N LEU A 3 2.99 -3.15 -5.39
CA LEU A 3 3.50 -1.78 -5.67
C LEU A 3 4.85 -1.54 -4.96
N PRO A 4 5.56 -0.55 -5.42
CA PRO A 4 6.88 -0.21 -4.81
C PRO A 4 6.67 0.43 -3.42
N PRO A 5 7.73 0.44 -2.65
CA PRO A 5 7.67 1.03 -1.28
C PRO A 5 7.56 2.55 -1.36
N GLY A 6 6.43 3.08 -0.96
CA GLY A 6 6.23 4.57 -1.01
C GLY A 6 4.82 4.89 -1.53
N LYS A 7 4.27 4.06 -2.39
CA LYS A 7 2.90 4.32 -2.92
C LYS A 7 1.89 4.48 -1.77
N PRO A 8 1.12 5.54 -1.82
CA PRO A 8 0.12 5.80 -0.75
C PRO A 8 -1.08 4.84 -0.88
N CYS A 9 -1.45 4.21 0.20
CA CYS A 9 -2.61 3.26 0.15
C CYS A 9 -3.75 3.76 1.05
N TYR A 10 -4.92 3.19 0.92
CA TYR A 10 -6.07 3.63 1.77
C TYR A 10 -6.27 2.66 2.95
N GLY A 11 -7.14 3.02 3.86
CA GLY A 11 -7.38 2.14 5.05
C GLY A 11 -8.30 0.99 4.66
N ALA A 12 -9.58 1.26 4.49
CA ALA A 12 -10.54 0.17 4.11
C ALA A 12 -10.95 0.29 2.64
N THR A 13 -10.08 0.81 1.80
CA THR A 13 -10.42 0.96 0.35
C THR A 13 -9.16 0.73 -0.50
N GLN A 14 -8.67 -0.48 -0.54
CA GLN A 14 -7.44 -0.75 -1.35
C GLN A 14 -7.65 -1.99 -2.24
N LYS A 15 -7.92 -1.77 -3.50
CA LYS A 15 -8.11 -2.91 -4.44
C LYS A 15 -6.78 -3.31 -5.10
N ILE A 16 -5.68 -3.02 -4.46
CA ILE A 16 -4.35 -3.36 -5.04
C ILE A 16 -3.44 -4.00 -3.97
N PRO A 17 -2.84 -5.10 -4.33
CA PRO A 17 -1.94 -5.83 -3.38
C PRO A 17 -0.61 -5.07 -3.20
N CYS A 18 -0.33 -4.63 -2.00
CA CYS A 18 0.95 -3.89 -1.76
C CYS A 18 2.05 -4.88 -1.36
N CYS A 19 3.26 -4.66 -1.81
CA CYS A 19 4.38 -5.60 -1.45
C CYS A 19 4.59 -5.60 0.06
N GLY A 20 4.62 -4.44 0.68
CA GLY A 20 4.82 -4.38 2.16
C GLY A 20 3.46 -4.30 2.85
N VAL A 21 3.26 -3.28 3.65
CA VAL A 21 1.94 -3.12 4.36
C VAL A 21 1.51 -1.65 4.31
N CYS A 22 0.33 -1.36 4.81
CA CYS A 22 -0.15 0.06 4.80
C CYS A 22 0.31 0.77 6.08
N SER A 23 1.37 1.53 5.98
CA SER A 23 1.88 2.27 7.18
C SER A 23 2.20 3.72 6.80
N HIS A 24 1.95 4.65 7.70
CA HIS A 24 2.23 6.09 7.40
C HIS A 24 1.53 6.51 6.10
N ASN A 25 0.32 6.05 5.88
CA ASN A 25 -0.45 6.42 4.64
C ASN A 25 0.32 5.99 3.37
N LYS A 26 1.07 4.91 3.44
CA LYS A 26 1.82 4.44 2.24
C LYS A 26 2.17 2.95 2.37
N CYS A 27 2.65 2.35 1.30
CA CYS A 27 3.01 0.90 1.35
C CYS A 27 4.53 0.73 1.43
N THR A 28 5.00 -0.05 2.36
CA THR A 28 6.48 -0.25 2.50
C THR A 28 6.95 -1.43 1.62
N LYS A 1 0.50 -7.41 -9.95
CA LYS A 1 1.75 -7.39 -9.15
C LYS A 1 1.59 -6.54 -7.90
N CYS A 2 2.56 -6.56 -7.01
CA CYS A 2 2.45 -5.74 -5.76
C CYS A 2 2.96 -4.32 -6.01
N LEU A 3 2.60 -3.40 -5.15
CA LEU A 3 3.07 -1.98 -5.33
C LEU A 3 4.42 -1.78 -4.65
N PRO A 4 5.21 -0.89 -5.20
CA PRO A 4 6.55 -0.59 -4.64
C PRO A 4 6.42 0.19 -3.33
N PRO A 5 7.50 0.23 -2.58
CA PRO A 5 7.50 0.96 -1.28
C PRO A 5 7.46 2.48 -1.54
N GLY A 6 6.48 3.16 -0.98
CA GLY A 6 6.37 4.63 -1.20
C GLY A 6 4.93 4.98 -1.59
N LYS A 7 4.32 4.15 -2.42
CA LYS A 7 2.90 4.42 -2.85
C LYS A 7 2.01 4.53 -1.61
N PRO A 8 1.23 5.60 -1.56
CA PRO A 8 0.33 5.81 -0.40
C PRO A 8 -0.89 4.87 -0.49
N CYS A 9 -1.15 4.13 0.55
CA CYS A 9 -2.32 3.19 0.54
C CYS A 9 -3.62 3.96 0.80
N TYR A 10 -4.69 3.59 0.15
CA TYR A 10 -5.98 4.31 0.35
C TYR A 10 -6.76 3.74 1.54
N GLY A 11 -6.37 4.09 2.73
CA GLY A 11 -7.07 3.59 3.97
C GLY A 11 -7.20 2.06 3.92
N ALA A 12 -8.35 1.54 4.27
CA ALA A 12 -8.55 0.07 4.25
C ALA A 12 -9.43 -0.35 3.07
N THR A 13 -9.38 0.40 1.98
CA THR A 13 -10.21 0.05 0.79
C THR A 13 -9.32 0.07 -0.47
N GLN A 14 -8.71 -1.04 -0.78
CA GLN A 14 -7.82 -1.09 -1.99
C GLN A 14 -8.00 -2.41 -2.74
N LYS A 15 -8.15 -2.35 -4.04
CA LYS A 15 -8.30 -3.62 -4.82
C LYS A 15 -6.91 -4.11 -5.28
N ILE A 16 -5.87 -3.63 -4.65
CA ILE A 16 -4.48 -4.03 -5.02
C ILE A 16 -3.64 -4.22 -3.75
N PRO A 17 -3.09 -5.39 -3.60
CA PRO A 17 -2.26 -5.71 -2.41
C PRO A 17 -0.87 -5.07 -2.54
N CYS A 18 -0.43 -4.38 -1.52
CA CYS A 18 0.92 -3.76 -1.56
C CYS A 18 1.98 -4.79 -1.17
N CYS A 19 3.17 -4.70 -1.72
CA CYS A 19 4.23 -5.70 -1.37
C CYS A 19 4.47 -5.69 0.15
N GLY A 20 4.59 -4.52 0.74
CA GLY A 20 4.81 -4.44 2.21
C GLY A 20 3.46 -4.18 2.89
N VAL A 21 3.40 -3.21 3.77
CA VAL A 21 2.11 -2.90 4.46
C VAL A 21 1.85 -1.38 4.40
N CYS A 22 0.71 -0.94 4.85
CA CYS A 22 0.40 0.52 4.82
C CYS A 22 0.82 1.18 6.14
N SER A 23 1.98 1.78 6.17
CA SER A 23 2.45 2.45 7.41
C SER A 23 2.16 3.95 7.28
N HIS A 24 1.28 4.48 8.11
CA HIS A 24 0.94 5.93 8.01
C HIS A 24 0.47 6.25 6.58
N ASN A 25 -0.40 5.41 6.03
CA ASN A 25 -0.90 5.61 4.63
C ASN A 25 0.25 5.49 3.63
N LYS A 26 1.19 4.60 3.87
CA LYS A 26 2.34 4.43 2.93
C LYS A 26 2.66 2.94 2.74
N CYS A 27 2.47 2.42 1.55
CA CYS A 27 2.79 0.98 1.30
C CYS A 27 4.31 0.78 1.31
N THR A 28 4.82 0.00 2.23
CA THR A 28 6.31 -0.23 2.29
C THR A 28 6.69 -1.46 1.44
N LYS A 1 0.00 -8.73 -8.56
CA LYS A 1 0.94 -7.57 -8.66
C LYS A 1 0.80 -6.68 -7.43
N CYS A 2 1.90 -6.20 -6.89
CA CYS A 2 1.84 -5.32 -5.69
C CYS A 2 2.41 -3.93 -6.00
N LEU A 3 2.24 -3.00 -5.10
CA LEU A 3 2.76 -1.61 -5.33
C LEU A 3 4.20 -1.50 -4.78
N PRO A 4 4.93 -0.53 -5.30
CA PRO A 4 6.32 -0.32 -4.83
C PRO A 4 6.32 0.28 -3.43
N PRO A 5 7.43 0.13 -2.74
CA PRO A 5 7.55 0.65 -1.35
C PRO A 5 7.73 2.17 -1.37
N GLY A 6 6.84 2.88 -0.70
CA GLY A 6 6.94 4.37 -0.66
C GLY A 6 5.65 4.98 -1.23
N LYS A 7 5.05 4.35 -2.21
CA LYS A 7 3.78 4.89 -2.79
C LYS A 7 2.70 4.99 -1.71
N PRO A 8 1.83 5.97 -1.86
CA PRO A 8 0.74 6.17 -0.86
C PRO A 8 -0.31 5.04 -0.97
N CYS A 9 -0.74 4.53 0.14
CA CYS A 9 -1.76 3.44 0.16
C CYS A 9 -3.08 3.99 0.72
N TYR A 10 -4.19 3.50 0.23
CA TYR A 10 -5.52 3.99 0.73
C TYR A 10 -6.03 3.10 1.87
N GLY A 11 -5.42 3.18 3.02
CA GLY A 11 -5.85 2.34 4.18
C GLY A 11 -5.84 0.87 3.80
N ALA A 12 -6.79 0.11 4.31
CA ALA A 12 -6.86 -1.34 3.97
C ALA A 12 -8.15 -1.65 3.22
N THR A 13 -8.47 -0.86 2.21
CA THR A 13 -9.73 -1.10 1.43
C THR A 13 -9.55 -0.63 -0.02
N GLN A 14 -8.67 -1.28 -0.75
CA GLN A 14 -8.44 -0.89 -2.17
C GLN A 14 -8.28 -2.15 -3.04
N LYS A 15 -8.31 -1.99 -4.34
CA LYS A 15 -8.16 -3.18 -5.24
C LYS A 15 -6.68 -3.50 -5.52
N ILE A 16 -5.79 -2.93 -4.74
CA ILE A 16 -4.34 -3.19 -4.94
C ILE A 16 -3.61 -3.16 -3.58
N PRO A 17 -3.32 -4.34 -3.08
CA PRO A 17 -2.63 -4.47 -1.77
C PRO A 17 -1.14 -4.11 -1.88
N CYS A 18 -0.63 -3.39 -0.91
CA CYS A 18 0.82 -3.01 -0.94
C CYS A 18 1.69 -4.26 -0.83
N CYS A 19 2.83 -4.27 -1.48
CA CYS A 19 3.73 -5.48 -1.41
C CYS A 19 4.04 -5.78 0.06
N GLY A 20 4.46 -4.80 0.82
CA GLY A 20 4.74 -5.02 2.26
C GLY A 20 3.44 -4.81 3.04
N VAL A 21 3.24 -3.64 3.58
CA VAL A 21 1.98 -3.36 4.34
C VAL A 21 1.54 -1.90 4.13
N CYS A 22 0.41 -1.53 4.66
CA CYS A 22 -0.09 -0.14 4.51
C CYS A 22 0.07 0.63 5.82
N SER A 23 0.94 1.62 5.85
CA SER A 23 1.15 2.42 7.09
C SER A 23 0.37 3.73 6.99
N HIS A 24 0.94 4.82 7.45
CA HIS A 24 0.22 6.14 7.39
C HIS A 24 0.11 6.61 5.93
N ASN A 25 -0.85 6.07 5.21
CA ASN A 25 -1.05 6.46 3.78
C ASN A 25 0.21 6.15 2.95
N LYS A 26 0.74 4.96 3.07
CA LYS A 26 1.96 4.60 2.29
C LYS A 26 2.13 3.07 2.23
N CYS A 27 2.91 2.59 1.29
CA CYS A 27 3.13 1.12 1.15
C CYS A 27 4.54 0.76 1.62
N THR A 28 4.65 0.03 2.70
CA THR A 28 6.00 -0.36 3.23
C THR A 28 6.41 -1.73 2.64
N LYS A 1 2.31 -9.04 -8.33
CA LYS A 1 1.90 -7.64 -8.64
C LYS A 1 1.58 -6.87 -7.35
N CYS A 2 2.47 -6.01 -6.91
CA CYS A 2 2.22 -5.24 -5.67
C CYS A 2 2.77 -3.81 -5.79
N LEU A 3 2.44 -2.94 -4.87
CA LEU A 3 2.94 -1.53 -4.93
C LEU A 3 4.32 -1.43 -4.25
N PRO A 4 5.22 -0.74 -4.91
CA PRO A 4 6.60 -0.56 -4.36
C PRO A 4 6.58 0.30 -3.09
N PRO A 5 7.73 0.39 -2.44
CA PRO A 5 7.84 1.18 -1.19
C PRO A 5 7.72 2.69 -1.47
N GLY A 6 6.80 3.36 -0.83
CA GLY A 6 6.64 4.82 -1.05
C GLY A 6 5.34 5.10 -1.85
N LYS A 7 4.53 4.09 -2.10
CA LYS A 7 3.26 4.33 -2.85
C LYS A 7 2.14 4.71 -1.88
N PRO A 8 1.17 5.45 -2.38
CA PRO A 8 0.04 5.88 -1.53
C PRO A 8 -0.89 4.70 -1.19
N CYS A 9 -1.29 4.59 0.05
CA CYS A 9 -2.20 3.47 0.46
C CYS A 9 -3.46 4.03 1.14
N TYR A 10 -4.58 3.38 0.97
CA TYR A 10 -5.85 3.86 1.60
C TYR A 10 -6.17 3.03 2.86
N GLY A 11 -7.18 3.43 3.59
CA GLY A 11 -7.57 2.69 4.83
C GLY A 11 -8.18 1.33 4.47
N ALA A 12 -9.49 1.24 4.48
CA ALA A 12 -10.15 -0.06 4.13
C ALA A 12 -10.79 0.02 2.74
N THR A 13 -10.19 0.74 1.82
CA THR A 13 -10.77 0.85 0.45
C THR A 13 -9.65 0.80 -0.59
N GLN A 14 -9.15 -0.37 -0.90
CA GLN A 14 -8.05 -0.50 -1.90
C GLN A 14 -7.92 -1.95 -2.38
N LYS A 15 -8.14 -2.19 -3.65
CA LYS A 15 -8.04 -3.58 -4.18
C LYS A 15 -6.61 -3.88 -4.68
N ILE A 16 -5.64 -3.15 -4.21
CA ILE A 16 -4.22 -3.39 -4.64
C ILE A 16 -3.32 -3.43 -3.39
N PRO A 17 -2.87 -4.63 -3.07
CA PRO A 17 -2.01 -4.83 -1.88
C PRO A 17 -0.58 -4.31 -2.14
N CYS A 18 0.04 -3.75 -1.13
CA CYS A 18 1.43 -3.24 -1.29
C CYS A 18 2.42 -4.41 -1.29
N CYS A 19 3.59 -4.23 -1.84
CA CYS A 19 4.59 -5.34 -1.86
C CYS A 19 4.88 -5.81 -0.42
N GLY A 20 4.82 -4.91 0.52
CA GLY A 20 5.06 -5.28 1.95
C GLY A 20 3.76 -5.07 2.74
N VAL A 21 3.61 -3.92 3.33
CA VAL A 21 2.37 -3.63 4.13
C VAL A 21 1.96 -2.17 3.97
N CYS A 22 0.88 -1.76 4.58
CA CYS A 22 0.42 -0.35 4.48
C CYS A 22 0.75 0.40 5.77
N SER A 23 1.59 1.42 5.71
CA SER A 23 1.94 2.18 6.93
C SER A 23 1.90 3.70 6.67
N HIS A 24 1.20 4.43 7.51
CA HIS A 24 1.09 5.91 7.32
C HIS A 24 0.65 6.25 5.88
N ASN A 25 -0.43 5.66 5.43
CA ASN A 25 -0.93 5.91 4.05
C ASN A 25 0.17 5.62 3.01
N LYS A 26 0.93 4.57 3.22
CA LYS A 26 2.03 4.22 2.26
C LYS A 26 2.16 2.71 2.09
N CYS A 27 2.80 2.28 1.03
CA CYS A 27 2.98 0.81 0.78
C CYS A 27 4.44 0.43 1.03
N THR A 28 4.73 -0.25 2.12
CA THR A 28 6.15 -0.64 2.40
C THR A 28 6.46 -2.01 1.73
N LYS A 1 0.89 -8.73 -9.29
CA LYS A 1 2.06 -8.12 -8.59
C LYS A 1 1.60 -7.00 -7.64
N CYS A 2 2.48 -6.50 -6.83
CA CYS A 2 2.10 -5.41 -5.87
C CYS A 2 2.92 -4.14 -6.14
N LEU A 3 2.60 -3.06 -5.48
CA LEU A 3 3.34 -1.77 -5.69
C LEU A 3 4.62 -1.75 -4.84
N PRO A 4 5.60 -1.01 -5.32
CA PRO A 4 6.89 -0.89 -4.59
C PRO A 4 6.71 -0.10 -3.28
N PRO A 5 7.75 -0.09 -2.48
CA PRO A 5 7.70 0.63 -1.19
C PRO A 5 7.67 2.15 -1.41
N GLY A 6 6.67 2.81 -0.88
CA GLY A 6 6.56 4.29 -1.06
C GLY A 6 5.18 4.66 -1.61
N LYS A 7 4.52 3.74 -2.29
CA LYS A 7 3.16 4.03 -2.85
C LYS A 7 2.17 4.33 -1.71
N PRO A 8 1.36 5.34 -1.89
CA PRO A 8 0.37 5.71 -0.86
C PRO A 8 -0.82 4.73 -0.84
N CYS A 9 -1.24 4.31 0.32
CA CYS A 9 -2.40 3.36 0.42
C CYS A 9 -3.61 4.07 1.03
N TYR A 10 -4.72 4.05 0.34
CA TYR A 10 -5.95 4.75 0.86
C TYR A 10 -6.67 3.84 1.87
N GLY A 11 -6.31 3.93 3.12
CA GLY A 11 -6.96 3.08 4.17
C GLY A 11 -6.53 1.62 4.01
N ALA A 12 -7.32 0.71 4.48
CA ALA A 12 -6.97 -0.74 4.35
C ALA A 12 -8.04 -1.48 3.54
N THR A 13 -8.68 -0.81 2.62
CA THR A 13 -9.73 -1.46 1.79
C THR A 13 -9.69 -0.92 0.35
N GLN A 14 -8.91 -1.55 -0.50
CA GLN A 14 -8.81 -1.07 -1.91
C GLN A 14 -8.52 -2.25 -2.86
N LYS A 15 -8.62 -2.03 -4.14
CA LYS A 15 -8.35 -3.13 -5.12
C LYS A 15 -6.87 -3.13 -5.51
N ILE A 16 -6.02 -2.59 -4.67
CA ILE A 16 -4.56 -2.57 -4.99
C ILE A 16 -3.75 -3.03 -3.75
N PRO A 17 -3.21 -4.22 -3.84
CA PRO A 17 -2.40 -4.78 -2.74
C PRO A 17 -0.95 -4.29 -2.82
N CYS A 18 -0.42 -3.78 -1.73
CA CYS A 18 0.99 -3.29 -1.74
C CYS A 18 1.94 -4.43 -1.35
N CYS A 19 3.15 -4.42 -1.86
CA CYS A 19 4.13 -5.50 -1.51
C CYS A 19 4.28 -5.59 0.01
N GLY A 20 4.41 -4.47 0.68
CA GLY A 20 4.54 -4.48 2.17
C GLY A 20 3.15 -4.29 2.79
N VAL A 21 2.98 -3.27 3.58
CA VAL A 21 1.65 -3.03 4.22
C VAL A 21 1.32 -1.53 4.21
N CYS A 22 0.13 -1.17 4.61
CA CYS A 22 -0.26 0.27 4.64
C CYS A 22 0.12 0.90 5.98
N SER A 23 1.04 1.84 5.97
CA SER A 23 1.48 2.50 7.24
C SER A 23 1.51 4.01 7.03
N HIS A 24 0.76 4.76 7.79
CA HIS A 24 0.74 6.25 7.63
C HIS A 24 0.42 6.60 6.16
N ASN A 25 -0.56 5.93 5.60
CA ASN A 25 -0.94 6.20 4.17
C ASN A 25 0.24 5.90 3.22
N LYS A 26 1.04 4.91 3.55
CA LYS A 26 2.21 4.55 2.68
C LYS A 26 2.33 3.02 2.55
N CYS A 27 3.08 2.56 1.60
CA CYS A 27 3.26 1.08 1.43
C CYS A 27 4.73 0.71 1.66
N THR A 28 5.02 -0.01 2.71
CA THR A 28 6.44 -0.40 2.99
C THR A 28 6.75 -1.76 2.34
#